data_9HFE
#
_entry.id   9HFE
#
_cell.length_a   85.371
_cell.length_b   85.371
_cell.length_c   91.259
_cell.angle_alpha   90.00
_cell.angle_beta   90.00
_cell.angle_gamma   120.00
#
_symmetry.space_group_name_H-M   'P 31 2 1'
#
loop_
_entity.id
_entity.type
_entity.pdbx_description
1 polymer 'Telomeric repeat-binding factor 1'
2 non-polymer 2-fluoro-N,3-dimethylbenzene-1-sulfonamide
3 non-polymer GLYCEROL
4 non-polymer 'DIMETHYL SULFOXIDE'
5 water water
#
_entity_poly.entity_id   1
_entity_poly.type   'polypeptide(L)'
_entity_poly.pdbx_seq_one_letter_code
;SNAQVQVGAPEEEEEEEEDAGLVAEAEAVAAGWMLDFLCLSLCRAFRDGRSEDFRRTRNSAEAIIHGLSSLTACQLRTIY
ICQFLTRIAAGKTLDAQFENDERITPLESALMIWGSIEKEHDKLHEEIQNLIKIQAIAVCMENGNFKEAEEVFERIFGDP
NSHMPFKSKLLMIISQKDTFHSFFQHFSYNHMMEKIKSYVNYVLSEKSSTFLMKAAAKVVESKR
;
_entity_poly.pdbx_strand_id   A
#
loop_
_chem_comp.id
_chem_comp.type
_chem_comp.name
_chem_comp.formula
DMS non-polymer 'DIMETHYL SULFOXIDE' 'C2 H6 O S'
GOL non-polymer GLYCEROL 'C3 H8 O3'
PK4 non-polymer 2-fluoro-N,3-dimethylbenzene-1-sulfonamide 'C8 H10 F N O2 S'
#
# COMPACT_ATOMS: atom_id res chain seq x y z
N GLU A 18 -1.21 9.95 40.50
CA GLU A 18 -1.56 9.97 39.08
C GLU A 18 -2.85 9.21 38.77
N ASP A 19 -3.53 9.57 37.67
CA ASP A 19 -4.77 8.92 37.29
C ASP A 19 -4.50 7.97 36.11
N ALA A 20 -4.73 6.67 36.32
CA ALA A 20 -4.51 5.63 35.32
C ALA A 20 -5.29 5.89 34.02
N GLY A 21 -6.51 6.42 34.15
CA GLY A 21 -7.34 6.75 33.01
C GLY A 21 -6.77 7.88 32.18
N LEU A 22 -6.24 8.94 32.82
CA LEU A 22 -5.64 10.06 32.10
C LEU A 22 -4.29 9.66 31.49
N VAL A 23 -3.54 8.75 32.14
CA VAL A 23 -2.27 8.26 31.60
C VAL A 23 -2.54 7.46 30.32
N ALA A 24 -3.54 6.56 30.34
CA ALA A 24 -3.94 5.76 29.19
C ALA A 24 -4.44 6.67 28.06
N GLU A 25 -5.16 7.76 28.39
CA GLU A 25 -5.61 8.71 27.37
C GLU A 25 -4.42 9.42 26.70
N ALA A 26 -3.42 9.85 27.48
CA ALA A 26 -2.21 10.51 26.95
C ALA A 26 -1.43 9.51 26.07
N GLU A 27 -1.38 8.23 26.47
CA GLU A 27 -0.74 7.20 25.66
C GLU A 27 -1.48 6.99 24.33
N ALA A 28 -2.82 7.07 24.33
CA ALA A 28 -3.60 6.91 23.10
C ALA A 28 -3.38 8.11 22.15
N VAL A 29 -3.26 9.34 22.72
CA VAL A 29 -2.99 10.54 21.93
C VAL A 29 -1.61 10.40 21.26
N ALA A 30 -0.60 9.97 22.03
CA ALA A 30 0.75 9.80 21.55
C ALA A 30 0.85 8.72 20.49
N ALA A 31 0.11 7.61 20.66
CA ALA A 31 0.05 6.54 19.67
C ALA A 31 -0.53 7.05 18.33
N GLY A 32 -1.54 7.92 18.39
CA GLY A 32 -2.13 8.54 17.21
C GLY A 32 -1.14 9.40 16.46
N TRP A 33 -0.28 10.14 17.21
CA TRP A 33 0.79 10.97 16.64
C TRP A 33 1.86 10.07 16.01
N MET A 34 2.24 8.99 16.70
CA MET A 34 3.22 8.05 16.17
C MET A 34 2.75 7.38 14.89
N LEU A 35 1.46 7.01 14.81
CA LEU A 35 0.85 6.39 13.63
C LEU A 35 0.95 7.30 12.39
N ASP A 36 0.61 8.59 12.54
CA ASP A 36 0.69 9.53 11.43
C ASP A 36 2.13 9.71 10.99
N PHE A 37 3.07 9.83 11.95
CA PHE A 37 4.49 9.97 11.65
C PHE A 37 5.01 8.73 10.89
N LEU A 38 4.65 7.53 11.33
CA LEU A 38 5.10 6.30 10.70
C LEU A 38 4.44 6.11 9.31
N CYS A 39 3.18 6.57 9.11
CA CYS A 39 2.54 6.49 7.78
C CYS A 39 3.34 7.36 6.80
N LEU A 40 3.68 8.59 7.23
CA LEU A 40 4.47 9.54 6.45
C LEU A 40 5.83 8.92 6.06
N SER A 41 6.51 8.32 7.03
CA SER A 41 7.81 7.72 6.83
C SER A 41 7.71 6.54 5.87
N LEU A 42 6.66 5.71 6.02
CA LEU A 42 6.41 4.56 5.15
C LEU A 42 6.18 5.01 3.71
N CYS A 43 5.37 6.08 3.51
CA CYS A 43 5.08 6.67 2.21
C CYS A 43 6.35 7.17 1.53
N ARG A 44 7.21 7.87 2.27
CA ARG A 44 8.45 8.39 1.70
C ARG A 44 9.38 7.26 1.32
N ALA A 45 9.49 6.21 2.16
CA ALA A 45 10.35 5.06 1.88
C ALA A 45 9.87 4.29 0.65
N PHE A 46 8.55 4.16 0.48
CA PHE A 46 7.96 3.50 -0.69
C PHE A 46 8.29 4.33 -1.95
N ARG A 47 8.11 5.66 -1.88
CA ARG A 47 8.39 6.56 -3.00
C ARG A 47 9.87 6.53 -3.41
N ASP A 48 10.78 6.54 -2.41
CA ASP A 48 12.22 6.55 -2.66
C ASP A 48 12.83 5.18 -3.01
N GLY A 49 12.06 4.10 -2.84
CA GLY A 49 12.59 2.75 -3.09
C GLY A 49 13.58 2.33 -2.01
N ARG A 50 13.43 2.87 -0.79
CA ARG A 50 14.32 2.51 0.31
C ARG A 50 13.70 1.29 1.02
N SER A 51 13.91 0.09 0.43
CA SER A 51 13.34 -1.20 0.87
C SER A 51 13.55 -1.55 2.35
N GLU A 52 14.79 -1.41 2.86
CA GLU A 52 15.10 -1.75 4.24
C GLU A 52 14.46 -0.75 5.18
N ASP A 53 14.46 0.54 4.83
CA ASP A 53 13.81 1.56 5.65
C ASP A 53 12.30 1.29 5.69
N PHE A 54 11.71 0.90 4.52
CA PHE A 54 10.29 0.58 4.41
C PHE A 54 9.95 -0.60 5.36
N ARG A 55 10.72 -1.70 5.26
CA ARG A 55 10.56 -2.88 6.12
C ARG A 55 10.61 -2.50 7.61
N ARG A 56 11.59 -1.66 8.02
CA ARG A 56 11.68 -1.22 9.41
C ARG A 56 10.50 -0.34 9.87
N THR A 57 10.09 0.63 9.03
CA THR A 57 8.97 1.51 9.36
C THR A 57 7.66 0.74 9.44
N ARG A 58 7.48 -0.26 8.56
CA ARG A 58 6.30 -1.11 8.52
C ARG A 58 6.19 -1.89 9.84
N ASN A 59 7.31 -2.46 10.32
CA ASN A 59 7.35 -3.22 11.55
C ASN A 59 6.97 -2.31 12.73
N SER A 60 7.46 -1.08 12.74
CA SER A 60 7.16 -0.12 13.79
C SER A 60 5.68 0.26 13.72
N ALA A 61 5.14 0.50 12.50
CA ALA A 61 3.73 0.85 12.32
C ALA A 61 2.84 -0.27 12.87
N GLU A 62 3.13 -1.53 12.50
CA GLU A 62 2.37 -2.69 12.94
CA GLU A 62 2.38 -2.69 12.94
C GLU A 62 2.36 -2.77 14.47
N ALA A 63 3.51 -2.59 15.10
CA ALA A 63 3.61 -2.66 16.55
C ALA A 63 2.82 -1.49 17.21
N ILE A 64 2.96 -0.26 16.69
CA ILE A 64 2.27 0.89 17.24
C ILE A 64 0.75 0.72 17.15
N ILE A 65 0.26 0.21 16.01
CA ILE A 65 -1.15 -0.02 15.77
C ILE A 65 -1.76 -1.04 16.76
N HIS A 66 -0.94 -1.97 17.29
CA HIS A 66 -1.41 -2.91 18.32
C HIS A 66 -1.79 -2.21 19.63
N GLY A 67 -1.20 -1.06 19.90
CA GLY A 67 -1.52 -0.26 21.09
C GLY A 67 -2.82 0.52 21.00
N LEU A 68 -3.43 0.56 19.81
CA LEU A 68 -4.71 1.25 19.63
C LEU A 68 -5.84 0.23 19.56
N SER A 69 -6.89 0.41 20.38
CA SER A 69 -8.04 -0.51 20.36
C SER A 69 -9.30 0.12 19.74
N SER A 70 -9.31 1.46 19.60
CA SER A 70 -10.39 2.21 18.98
C SER A 70 -9.78 3.20 18.00
N LEU A 71 -10.27 3.20 16.77
CA LEU A 71 -9.75 4.12 15.76
C LEU A 71 -10.84 4.98 15.17
N THR A 72 -10.52 6.24 14.89
CA THR A 72 -11.45 7.12 14.20
C THR A 72 -11.45 6.75 12.69
N ALA A 73 -12.34 7.35 11.88
CA ALA A 73 -12.38 7.13 10.44
C ALA A 73 -11.04 7.47 9.77
N CYS A 74 -10.40 8.56 10.21
N CYS A 74 -10.40 8.56 10.21
CA CYS A 74 -9.11 9.02 9.69
CA CYS A 74 -9.11 8.98 9.66
C CYS A 74 -8.01 8.00 10.00
C CYS A 74 -8.00 7.98 9.99
N GLN A 75 -8.01 7.45 11.22
CA GLN A 75 -7.01 6.46 11.65
C GLN A 75 -7.18 5.14 10.92
N LEU A 76 -8.44 4.75 10.61
CA LEU A 76 -8.69 3.54 9.85
C LEU A 76 -8.11 3.72 8.43
N ARG A 77 -8.33 4.87 7.78
CA ARG A 77 -7.76 5.12 6.45
CA ARG A 77 -7.76 5.13 6.45
C ARG A 77 -6.24 5.01 6.49
N THR A 78 -5.61 5.57 7.55
CA THR A 78 -4.17 5.56 7.76
C THR A 78 -3.61 4.16 7.86
N ILE A 79 -4.22 3.28 8.68
CA ILE A 79 -3.71 1.92 8.82
C ILE A 79 -3.94 1.11 7.52
N TYR A 80 -5.04 1.34 6.80
CA TYR A 80 -5.30 0.62 5.56
C TYR A 80 -4.41 1.08 4.42
N ILE A 81 -3.98 2.35 4.43
CA ILE A 81 -3.00 2.83 3.46
C ILE A 81 -1.67 2.12 3.74
N CYS A 82 -1.27 2.04 5.02
CA CYS A 82 -0.06 1.32 5.40
C CYS A 82 -0.09 -0.17 4.99
N GLN A 83 -1.22 -0.85 5.23
CA GLN A 83 -1.40 -2.27 4.85
CA GLN A 83 -1.34 -2.25 4.84
C GLN A 83 -1.34 -2.42 3.33
N PHE A 84 -2.00 -1.51 2.60
CA PHE A 84 -2.03 -1.54 1.13
C PHE A 84 -0.59 -1.43 0.59
N LEU A 85 0.20 -0.45 1.07
CA LEU A 85 1.57 -0.27 0.60
C LEU A 85 2.45 -1.48 0.95
N THR A 86 2.20 -2.12 2.09
CA THR A 86 2.91 -3.31 2.56
C THR A 86 2.70 -4.47 1.56
N ARG A 87 1.46 -4.67 1.12
CA ARG A 87 1.11 -5.70 0.16
C ARG A 87 1.73 -5.41 -1.19
N ILE A 88 1.70 -4.13 -1.63
CA ILE A 88 2.30 -3.75 -2.91
C ILE A 88 3.80 -4.00 -2.86
N ALA A 89 4.46 -3.65 -1.75
CA ALA A 89 5.91 -3.84 -1.62
C ALA A 89 6.27 -5.33 -1.61
N ALA A 90 5.39 -6.20 -1.08
CA ALA A 90 5.65 -7.65 -1.12
C ALA A 90 5.14 -8.33 -2.44
N GLY A 91 4.70 -7.54 -3.42
CA GLY A 91 4.11 -8.00 -4.67
C GLY A 91 4.81 -9.12 -5.42
N LYS A 92 6.15 -9.06 -5.51
CA LYS A 92 6.90 -10.10 -6.19
C LYS A 92 7.52 -11.14 -5.23
N THR A 93 7.21 -11.08 -3.93
CA THR A 93 7.78 -12.01 -2.96
C THR A 93 6.84 -13.18 -2.68
N ASP A 101 -2.02 -18.71 4.76
CA ASP A 101 -2.94 -18.14 5.75
C ASP A 101 -4.10 -17.40 5.06
N GLU A 102 -3.81 -16.62 4.02
CA GLU A 102 -4.83 -15.89 3.25
C GLU A 102 -5.31 -16.67 2.02
N ARG A 103 -4.47 -17.59 1.49
CA ARG A 103 -4.75 -18.42 0.31
C ARG A 103 -4.84 -17.60 -1.00
N ILE A 104 -4.28 -16.38 -0.99
CA ILE A 104 -4.21 -15.47 -2.12
C ILE A 104 -2.79 -14.83 -2.10
N THR A 105 -2.42 -14.18 -3.20
CA THR A 105 -1.13 -13.52 -3.30
C THR A 105 -1.16 -12.10 -2.69
N PRO A 106 0.02 -11.53 -2.35
CA PRO A 106 0.04 -10.15 -1.83
C PRO A 106 -0.68 -9.10 -2.70
N LEU A 107 -0.53 -9.13 -4.04
CA LEU A 107 -1.22 -8.18 -4.92
C LEU A 107 -2.74 -8.35 -4.92
N GLU A 108 -3.23 -9.58 -4.74
CA GLU A 108 -4.68 -9.82 -4.58
C GLU A 108 -5.17 -9.21 -3.25
N SER A 109 -4.36 -9.29 -2.21
CA SER A 109 -4.68 -8.75 -0.89
C SER A 109 -4.67 -7.20 -0.96
N ALA A 110 -3.73 -6.61 -1.74
CA ALA A 110 -3.67 -5.16 -1.97
C ALA A 110 -4.96 -4.72 -2.67
N LEU A 111 -5.44 -5.49 -3.64
CA LEU A 111 -6.69 -5.22 -4.36
C LEU A 111 -7.91 -5.23 -3.42
N MET A 112 -7.95 -6.17 -2.45
CA MET A 112 -9.05 -6.21 -1.50
C MET A 112 -9.03 -5.00 -0.59
N ILE A 113 -7.83 -4.55 -0.18
CA ILE A 113 -7.74 -3.39 0.69
C ILE A 113 -8.12 -2.13 -0.11
N TRP A 114 -7.59 -2.01 -1.32
CA TRP A 114 -7.84 -0.88 -2.21
C TRP A 114 -9.30 -0.67 -2.49
N GLY A 115 -10.04 -1.76 -2.72
CA GLY A 115 -11.47 -1.68 -2.98
C GLY A 115 -12.34 -1.47 -1.74
N SER A 116 -11.72 -1.47 -0.55
CA SER A 116 -12.48 -1.29 0.69
C SER A 116 -12.12 -0.03 1.49
N ILE A 117 -11.05 0.68 1.13
CA ILE A 117 -10.67 1.92 1.84
C ILE A 117 -11.76 2.97 1.60
N GLU A 118 -12.10 3.75 2.63
CA GLU A 118 -13.07 4.82 2.49
C GLU A 118 -12.41 5.97 1.74
N LYS A 119 -12.46 5.92 0.42
CA LYS A 119 -11.86 6.92 -0.44
C LYS A 119 -12.65 7.06 -1.73
N GLU A 120 -12.47 8.19 -2.45
CA GLU A 120 -13.19 8.40 -3.69
C GLU A 120 -12.70 7.49 -4.80
N HIS A 121 -13.64 6.90 -5.53
CA HIS A 121 -13.30 6.05 -6.67
C HIS A 121 -13.27 6.96 -7.88
N ASP A 122 -12.17 7.69 -8.02
CA ASP A 122 -11.94 8.60 -9.13
C ASP A 122 -11.14 7.88 -10.25
N LYS A 123 -10.69 8.61 -11.28
CA LYS A 123 -9.92 8.07 -12.40
C LYS A 123 -8.68 7.34 -11.91
N LEU A 124 -7.88 7.98 -11.03
CA LEU A 124 -6.66 7.39 -10.49
C LEU A 124 -6.93 6.08 -9.74
N HIS A 125 -8.03 6.03 -8.95
CA HIS A 125 -8.41 4.82 -8.23
C HIS A 125 -8.63 3.64 -9.18
N GLU A 126 -9.33 3.88 -10.28
CA GLU A 126 -9.64 2.89 -11.30
C GLU A 126 -8.39 2.41 -12.02
N GLU A 127 -7.49 3.34 -12.35
CA GLU A 127 -6.25 3.01 -13.03
C GLU A 127 -5.38 2.11 -12.17
N ILE A 128 -5.24 2.45 -10.88
CA ILE A 128 -4.48 1.63 -9.93
C ILE A 128 -5.12 0.25 -9.78
N GLN A 129 -6.45 0.20 -9.62
CA GLN A 129 -7.17 -1.07 -9.51
C GLN A 129 -6.88 -2.02 -10.70
N ASN A 130 -7.05 -1.51 -11.94
CA ASN A 130 -6.81 -2.31 -13.14
C ASN A 130 -5.35 -2.72 -13.31
N LEU A 131 -4.42 -1.85 -12.91
CA LEU A 131 -3.00 -2.19 -12.96
C LEU A 131 -2.65 -3.29 -11.98
N ILE A 132 -3.23 -3.26 -10.75
CA ILE A 132 -2.96 -4.30 -9.78
C ILE A 132 -3.56 -5.62 -10.27
N LYS A 133 -4.77 -5.58 -10.85
CA LYS A 133 -5.44 -6.79 -11.36
C LYS A 133 -4.58 -7.54 -12.38
N ILE A 134 -3.94 -6.79 -13.31
CA ILE A 134 -3.12 -7.41 -14.33
C ILE A 134 -1.78 -7.86 -13.75
N GLN A 135 -1.18 -7.03 -12.91
CA GLN A 135 0.09 -7.36 -12.29
C GLN A 135 0.01 -8.52 -11.33
N ALA A 136 -1.15 -8.75 -10.69
CA ALA A 136 -1.30 -9.91 -9.81
C ALA A 136 -1.06 -11.23 -10.60
N ILE A 137 -1.44 -11.22 -11.90
CA ILE A 137 -1.20 -12.33 -12.82
C ILE A 137 0.24 -12.25 -13.34
N ALA A 138 0.66 -11.09 -13.90
CA ALA A 138 2.00 -10.95 -14.48
C ALA A 138 3.15 -11.27 -13.52
N VAL A 139 3.04 -10.97 -12.22
CA VAL A 139 4.15 -11.28 -11.30
C VAL A 139 4.35 -12.79 -11.19
N CYS A 140 3.27 -13.59 -11.31
CA CYS A 140 3.38 -15.05 -11.25
C CYS A 140 4.09 -15.58 -12.50
N MET A 141 3.75 -15.01 -13.68
CA MET A 141 4.40 -15.35 -14.93
C MET A 141 5.89 -14.95 -14.90
N GLU A 142 6.20 -13.78 -14.33
CA GLU A 142 7.59 -13.32 -14.20
C GLU A 142 8.39 -14.33 -13.35
N ASN A 143 7.77 -14.87 -12.30
CA ASN A 143 8.38 -15.86 -11.42
C ASN A 143 8.38 -17.31 -11.98
N GLY A 144 7.81 -17.52 -13.16
CA GLY A 144 7.74 -18.82 -13.82
C GLY A 144 6.67 -19.75 -13.27
N ASN A 145 5.71 -19.23 -12.51
CA ASN A 145 4.64 -20.04 -11.92
C ASN A 145 3.34 -19.78 -12.68
N PHE A 146 3.18 -20.47 -13.81
CA PHE A 146 2.03 -20.27 -14.70
C PHE A 146 0.74 -20.92 -14.18
N LYS A 147 0.84 -21.98 -13.37
CA LYS A 147 -0.33 -22.58 -12.73
C LYS A 147 -0.90 -21.55 -11.73
N GLU A 148 -0.02 -20.88 -10.97
CA GLU A 148 -0.46 -19.86 -10.03
C GLU A 148 -1.03 -18.65 -10.76
N ALA A 149 -0.46 -18.29 -11.91
CA ALA A 149 -0.97 -17.17 -12.72
C ALA A 149 -2.42 -17.42 -13.14
N GLU A 150 -2.76 -18.67 -13.57
CA GLU A 150 -4.13 -19.06 -13.95
C GLU A 150 -5.06 -19.11 -12.72
N GLU A 151 -4.53 -19.47 -11.54
CA GLU A 151 -5.32 -19.50 -10.31
C GLU A 151 -5.66 -18.07 -9.87
N VAL A 152 -4.71 -17.14 -10.00
CA VAL A 152 -4.93 -15.72 -9.70
C VAL A 152 -5.98 -15.17 -10.69
N PHE A 153 -5.84 -15.49 -11.98
CA PHE A 153 -6.79 -15.07 -13.01
C PHE A 153 -8.22 -15.53 -12.67
N GLU A 154 -8.38 -16.79 -12.26
CA GLU A 154 -9.70 -17.32 -11.93
C GLU A 154 -10.30 -16.62 -10.73
N ARG A 155 -9.49 -16.32 -9.70
CA ARG A 155 -10.02 -15.64 -8.52
C ARG A 155 -10.44 -14.19 -8.82
N ILE A 156 -9.70 -13.48 -9.70
CA ILE A 156 -10.01 -12.07 -10.04
C ILE A 156 -11.08 -11.92 -11.15
N PHE A 157 -10.98 -12.72 -12.23
CA PHE A 157 -11.86 -12.63 -13.41
C PHE A 157 -12.79 -13.82 -13.60
N GLY A 158 -12.86 -14.75 -12.65
N PRO A 165 -15.15 -11.47 -23.96
CA PRO A 165 -14.00 -11.81 -24.81
C PRO A 165 -12.67 -11.29 -24.28
N PHE A 166 -12.70 -10.32 -23.34
CA PHE A 166 -11.46 -9.80 -22.77
C PHE A 166 -10.82 -10.91 -21.92
N LYS A 167 -11.63 -11.58 -21.09
CA LYS A 167 -11.19 -12.66 -20.21
C LYS A 167 -10.55 -13.80 -20.99
N SER A 168 -11.18 -14.23 -22.10
N SER A 168 -11.18 -14.22 -22.10
CA SER A 168 -10.66 -15.32 -22.93
CA SER A 168 -10.67 -15.31 -22.94
C SER A 168 -9.33 -14.94 -23.62
C SER A 168 -9.33 -14.94 -23.61
N LYS A 169 -9.14 -13.65 -23.92
CA LYS A 169 -7.92 -13.14 -24.54
C LYS A 169 -6.80 -13.16 -23.50
N LEU A 170 -7.11 -12.73 -22.27
CA LEU A 170 -6.16 -12.71 -21.18
C LEU A 170 -5.76 -14.14 -20.78
N LEU A 171 -6.73 -15.07 -20.77
CA LEU A 171 -6.46 -16.46 -20.44
C LEU A 171 -5.59 -17.12 -21.51
N MET A 172 -5.77 -16.76 -22.80
CA MET A 172 -4.95 -17.33 -23.87
CA MET A 172 -4.96 -17.31 -23.89
C MET A 172 -3.50 -16.88 -23.70
N ILE A 173 -3.28 -15.59 -23.39
CA ILE A 173 -1.97 -14.99 -23.14
C ILE A 173 -1.23 -15.75 -22.00
N ILE A 174 -1.90 -15.98 -20.86
CA ILE A 174 -1.31 -16.69 -19.73
C ILE A 174 -0.99 -18.13 -20.15
N SER A 175 -1.94 -18.79 -20.83
CA SER A 175 -1.81 -20.17 -21.30
C SER A 175 -0.61 -20.35 -22.24
N GLN A 176 -0.32 -19.33 -23.05
CA GLN A 176 0.82 -19.39 -23.98
C GLN A 176 2.13 -18.84 -23.33
N LYS A 177 2.12 -18.53 -22.03
CA LYS A 177 3.29 -17.97 -21.32
C LYS A 177 3.81 -16.72 -22.04
N ASP A 178 2.90 -15.93 -22.60
CA ASP A 178 3.20 -14.76 -23.41
C ASP A 178 3.35 -13.56 -22.51
N THR A 179 4.32 -13.64 -21.62
CA THR A 179 4.62 -12.67 -20.57
C THR A 179 4.87 -11.27 -21.11
N PHE A 180 5.47 -11.18 -22.30
CA PHE A 180 5.83 -9.88 -22.86
C PHE A 180 4.87 -9.43 -23.97
N HIS A 181 3.61 -9.93 -23.96
CA HIS A 181 2.55 -9.49 -24.87
C HIS A 181 2.36 -7.96 -24.68
N SER A 182 2.04 -7.22 -25.76
CA SER A 182 1.85 -5.76 -25.69
C SER A 182 0.83 -5.32 -24.60
N PHE A 183 -0.15 -6.16 -24.26
CA PHE A 183 -1.13 -5.87 -23.20
C PHE A 183 -0.42 -5.75 -21.87
N PHE A 184 0.48 -6.72 -21.58
CA PHE A 184 1.27 -6.78 -20.35
C PHE A 184 2.30 -5.67 -20.28
N GLN A 185 2.78 -5.19 -21.43
CA GLN A 185 3.73 -4.10 -21.52
C GLN A 185 3.01 -2.76 -21.28
N HIS A 186 1.75 -2.63 -21.69
CA HIS A 186 0.96 -1.43 -21.39
C HIS A 186 0.55 -1.45 -19.87
N PHE A 187 0.01 -2.59 -19.38
CA PHE A 187 -0.37 -2.71 -17.96
C PHE A 187 0.80 -3.30 -17.18
N SER A 188 1.92 -2.60 -17.20
CA SER A 188 3.19 -3.02 -16.64
C SER A 188 3.35 -2.79 -15.14
N TYR A 189 4.38 -3.41 -14.58
CA TYR A 189 4.69 -3.29 -13.18
C TYR A 189 5.15 -1.85 -12.91
N ASN A 190 6.01 -1.31 -13.79
CA ASN A 190 6.50 0.05 -13.70
C ASN A 190 5.36 1.05 -13.73
N HIS A 191 4.36 0.84 -14.61
CA HIS A 191 3.18 1.72 -14.70
C HIS A 191 2.35 1.63 -13.45
N MET A 192 2.21 0.43 -12.89
CA MET A 192 1.51 0.23 -11.62
C MET A 192 2.21 1.01 -10.50
N MET A 193 3.54 0.88 -10.39
CA MET A 193 4.29 1.59 -9.36
C MET A 193 4.23 3.10 -9.55
N GLU A 194 4.28 3.61 -10.79
CA GLU A 194 4.20 5.05 -11.05
C GLU A 194 2.85 5.62 -10.61
N LYS A 195 1.74 4.95 -10.97
CA LYS A 195 0.41 5.39 -10.59
C LYS A 195 0.23 5.34 -9.07
N ILE A 196 0.69 4.28 -8.42
CA ILE A 196 0.62 4.17 -6.96
C ILE A 196 1.47 5.26 -6.28
N LYS A 197 2.65 5.57 -6.83
CA LYS A 197 3.50 6.65 -6.31
C LYS A 197 2.83 8.01 -6.42
N SER A 198 2.06 8.27 -7.50
N SER A 198 2.06 8.27 -7.50
CA SER A 198 1.32 9.53 -7.63
CA SER A 198 1.33 9.54 -7.62
C SER A 198 0.27 9.62 -6.51
C SER A 198 0.25 9.63 -6.53
N TYR A 199 -0.39 8.51 -6.18
CA TYR A 199 -1.39 8.48 -5.12
C TYR A 199 -0.68 8.74 -3.77
N VAL A 200 0.48 8.08 -3.54
CA VAL A 200 1.29 8.26 -2.34
C VAL A 200 1.66 9.75 -2.11
N ASN A 201 1.94 10.52 -3.20
CA ASN A 201 2.25 11.96 -3.07
C ASN A 201 1.09 12.74 -2.46
N TYR A 202 -0.16 12.33 -2.73
CA TYR A 202 -1.32 12.99 -2.15
C TYR A 202 -1.41 12.68 -0.64
N VAL A 203 -1.14 11.42 -0.24
CA VAL A 203 -1.14 11.02 1.18
C VAL A 203 -0.04 11.79 1.91
N LEU A 204 1.15 11.85 1.31
CA LEU A 204 2.31 12.53 1.82
C LEU A 204 2.00 14.03 2.02
N SER A 205 1.32 14.67 1.05
CA SER A 205 0.97 16.10 1.18
C SER A 205 -0.06 16.30 2.30
N GLU A 206 -1.05 15.40 2.37
CA GLU A 206 -2.12 15.46 3.37
C GLU A 206 -1.59 15.32 4.81
N LYS A 207 -0.52 14.54 4.98
CA LYS A 207 0.04 14.31 6.31
C LYS A 207 1.35 15.05 6.62
N SER A 208 1.86 15.85 5.66
N SER A 208 1.88 15.83 5.67
CA SER A 208 3.11 16.60 5.82
CA SER A 208 3.15 16.54 5.88
C SER A 208 3.12 17.51 7.04
C SER A 208 3.12 17.52 7.06
N SER A 209 1.95 18.01 7.45
CA SER A 209 1.84 18.92 8.58
C SER A 209 1.43 18.25 9.91
N THR A 210 1.38 16.90 9.98
CA THR A 210 0.99 16.22 11.22
C THR A 210 2.01 16.52 12.34
N PHE A 211 1.52 16.56 13.60
CA PHE A 211 2.24 17.00 14.80
C PHE A 211 3.71 16.53 14.94
N LEU A 212 3.95 15.23 14.94
CA LEU A 212 5.28 14.70 15.20
C LEU A 212 6.35 15.06 14.15
N MET A 213 6.03 14.97 12.86
CA MET A 213 7.00 15.33 11.83
C MET A 213 7.27 16.82 11.82
N LYS A 214 6.22 17.63 12.05
CA LYS A 214 6.31 19.07 12.10
C LYS A 214 7.20 19.54 13.26
N ALA A 215 7.00 18.98 14.47
CA ALA A 215 7.84 19.35 15.61
C ALA A 215 9.29 18.88 15.40
N ALA A 216 9.48 17.70 14.80
CA ALA A 216 10.82 17.17 14.52
C ALA A 216 11.59 18.03 13.50
N ALA A 217 10.91 18.50 12.45
CA ALA A 217 11.52 19.35 11.44
C ALA A 217 11.95 20.70 12.02
N LYS A 218 11.23 21.21 13.04
CA LYS A 218 11.59 22.48 13.68
C LYS A 218 12.90 22.35 14.44
N VAL A 219 13.12 21.21 15.11
CA VAL A 219 14.33 20.96 15.86
C VAL A 219 15.54 20.89 14.92
N VAL A 220 15.37 20.20 13.79
CA VAL A 220 16.42 20.07 12.78
C VAL A 220 16.73 21.42 12.11
N GLU A 221 15.69 22.21 11.79
CA GLU A 221 15.89 23.53 11.18
C GLU A 221 16.61 24.49 12.15
N SER A 222 16.39 24.34 13.47
N SER A 222 16.39 24.34 13.46
CA SER A 222 17.05 25.19 14.46
CA SER A 222 17.05 25.19 14.46
C SER A 222 18.55 24.87 14.59
C SER A 222 18.55 24.87 14.61
N LYS A 223 18.99 23.66 14.23
CA LYS A 223 20.40 23.30 14.31
C LYS A 223 21.12 23.87 13.09
N ARG A 224 20.54 23.69 11.90
CA ARG A 224 21.13 24.22 10.66
C1 PK4 B . -0.40 -1.07 9.04
C11 PK4 B . 1.06 -5.83 6.84
C12 PK4 B . -0.26 -4.54 8.54
C10 PK4 B . -0.01 -5.74 7.89
C6 PK4 B . -1.26 -4.45 9.51
C7 PK4 B . -1.98 -5.61 9.83
C8 PK4 B . -1.75 -6.79 9.17
C9 PK4 B . -0.76 -6.86 8.21
F13 PK4 B . 0.48 -3.48 8.19
N2 PK4 B . -1.65 -1.71 9.41
O4 PK4 B . -3.03 -3.12 10.84
O5 PK4 B . -0.66 -2.78 11.40
S3 PK4 B . -1.68 -2.98 10.42
C1 GOL C . 11.72 6.15 12.82
O1 GOL C . 11.60 6.29 11.39
C2 GOL C . 11.86 4.70 13.22
O2 GOL C . 11.94 4.54 14.63
C3 GOL C . 10.75 3.82 12.66
O3 GOL C . 11.06 2.46 12.89
S DMS D . -1.95 12.12 35.80
O DMS D . -2.55 11.95 34.44
C1 DMS D . -0.15 12.18 35.60
C2 DMS D . -2.13 13.87 36.27
S DMS E . 3.88 -14.46 -6.67
O DMS E . 4.73 -15.53 -7.32
C1 DMS E . 3.22 -15.13 -5.11
C2 DMS E . 4.99 -13.36 -5.83
C1 PK4 F . -12.89 -7.45 -16.69
C11 PK4 F . -6.60 -3.89 -17.05
C12 PK4 F . -9.03 -4.46 -17.26
C10 PK4 F . -7.85 -4.04 -17.85
C6 PK4 F . -10.20 -4.60 -18.00
C7 PK4 F . -10.19 -4.31 -19.36
C8 PK4 F . -9.02 -3.89 -19.96
C9 PK4 F . -7.86 -3.77 -19.21
F13 PK4 F . -9.03 -4.74 -15.94
N2 PK4 F . -11.73 -6.74 -17.26
O4 PK4 F . -11.70 -4.71 -15.87
O5 PK4 F . -12.79 -4.70 -18.09
S3 PK4 F . -11.71 -5.13 -17.25
#